data_2O62
#
_entry.id   2O62
#
_cell.length_a   61.210
_cell.length_b   71.880
_cell.length_c   132.610
_cell.angle_alpha   90.000
_cell.angle_beta   90.000
_cell.angle_gamma   90.000
#
_symmetry.space_group_name_H-M   'P 21 21 21'
#
loop_
_entity.id
_entity.type
_entity.pdbx_description
1 polymer 'hypothetical protein'
2 non-polymer 'CHLORIDE ION'
3 non-polymer GLYCEROL
4 water water
#
_entity_poly.entity_id   1
_entity_poly.type   'polypeptide(L)'
_entity_poly.pdbx_seq_one_letter_code
;G(MSE)KSQWECFLQNLGVWEGSFSNFSPEGTLLNDTSSRLCLEGLNNNQTVRLTLSRSGKDDVIREFRSVGGGLLFFEN
GSFSEGLIQLGPFSEFGGELAFVHENRRLRLVQLFDRNGHLNGLTLIREHLAGTPVAERPLLQINDLLGEWRGQAVTIYR
DLRPPDIYSTTLKIQLDDAGRL(MSE)QSTSFGERTITSTATIKGSIVLFDQDPEKQVQVLLLPDGASATSPLKVQLRQP
LFLEAGWLIQSDLRQR(MSE)IRSYNDKGEWVSLTLVTEERV
;
_entity_poly.pdbx_strand_id   A,B
#
# COMPACT_ATOMS: atom_id res chain seq x y z
N LYS A 3 -8.26 28.26 -7.91
CA LYS A 3 -9.20 27.67 -6.98
C LYS A 3 -8.44 26.99 -5.84
N SER A 4 -8.98 27.03 -4.64
CA SER A 4 -8.52 26.14 -3.58
C SER A 4 -8.68 24.66 -4.00
N GLN A 5 -7.92 23.77 -3.37
CA GLN A 5 -8.09 22.34 -3.65
C GLN A 5 -9.54 21.86 -3.43
N TRP A 6 -10.20 22.34 -2.40
CA TRP A 6 -11.59 21.98 -2.14
C TRP A 6 -12.50 22.42 -3.27
N GLU A 7 -12.32 23.66 -3.75
CA GLU A 7 -13.11 24.16 -4.85
C GLU A 7 -12.88 23.36 -6.13
N CYS A 8 -11.64 22.95 -6.38
CA CYS A 8 -11.36 22.05 -7.50
C CYS A 8 -12.08 20.73 -7.37
N PHE A 9 -12.04 20.16 -6.18
CA PHE A 9 -12.75 18.93 -5.88
C PHE A 9 -14.23 19.08 -6.21
N LEU A 10 -14.84 20.20 -5.82
CA LEU A 10 -16.25 20.42 -6.11
C LEU A 10 -16.63 20.43 -7.58
N GLN A 11 -15.67 20.61 -8.48
CA GLN A 11 -15.92 20.45 -9.91
C GLN A 11 -16.44 19.07 -10.28
N ASN A 12 -16.20 18.08 -9.42
CA ASN A 12 -16.65 16.72 -9.64
C ASN A 12 -18.11 16.46 -9.15
N LEU A 13 -18.79 17.44 -8.56
CA LEU A 13 -20.11 17.14 -8.05
C LEU A 13 -21.02 16.68 -9.22
N GLY A 14 -21.86 15.69 -8.96
CA GLY A 14 -22.81 15.19 -9.95
C GLY A 14 -23.02 13.70 -9.76
N VAL A 15 -23.68 13.08 -10.75
CA VAL A 15 -23.96 11.66 -10.69
C VAL A 15 -23.22 11.02 -11.86
N TRP A 16 -22.21 10.22 -11.54
CA TRP A 16 -21.32 9.63 -12.52
C TRP A 16 -21.71 8.18 -12.64
N GLU A 17 -22.15 7.80 -13.84
CA GLU A 17 -22.56 6.45 -14.14
CA GLU A 17 -22.54 6.43 -14.10
C GLU A 17 -21.56 5.78 -15.07
N GLY A 18 -21.39 4.48 -14.94
CA GLY A 18 -20.53 3.77 -15.85
C GLY A 18 -20.15 2.42 -15.34
N SER A 19 -18.86 2.16 -15.30
CA SER A 19 -18.35 0.94 -14.68
C SER A 19 -16.96 1.05 -14.13
N PHE A 20 -16.62 0.06 -13.30
CA PHE A 20 -15.26 -0.18 -12.83
C PHE A 20 -14.80 -1.47 -13.48
N SER A 21 -13.71 -1.39 -14.25
CA SER A 21 -13.23 -2.51 -15.08
C SER A 21 -11.79 -2.86 -14.73
N ASN A 22 -11.56 -4.11 -14.32
CA ASN A 22 -10.22 -4.62 -14.05
C ASN A 22 -9.65 -5.28 -15.26
N PHE A 23 -8.47 -4.81 -15.63
CA PHE A 23 -7.68 -5.33 -16.72
C PHE A 23 -6.38 -5.94 -16.22
N SER A 24 -5.91 -6.94 -16.96
CA SER A 24 -4.57 -7.49 -16.76
C SER A 24 -3.51 -6.50 -17.27
N PRO A 25 -2.24 -6.71 -16.89
CA PRO A 25 -1.15 -5.86 -17.41
C PRO A 25 -0.92 -5.97 -18.94
N GLU A 26 -1.53 -6.96 -19.60
CA GLU A 26 -1.54 -7.04 -21.07
C GLU A 26 -2.84 -6.51 -21.69
N GLY A 27 -3.75 -5.92 -20.91
CA GLY A 27 -4.93 -5.28 -21.44
C GLY A 27 -6.15 -6.14 -21.62
N THR A 28 -6.17 -7.30 -20.95
CA THR A 28 -7.29 -8.22 -21.03
C THR A 28 -8.30 -7.82 -19.98
N LEU A 29 -9.56 -7.69 -20.38
CA LEU A 29 -10.62 -7.37 -19.41
C LEU A 29 -10.90 -8.60 -18.56
N LEU A 30 -10.78 -8.45 -17.25
CA LEU A 30 -11.00 -9.53 -16.34
C LEU A 30 -12.33 -9.43 -15.64
N ASN A 31 -12.69 -8.25 -15.20
CA ASN A 31 -13.87 -8.07 -14.39
C ASN A 31 -14.40 -6.67 -14.58
N ASP A 32 -15.71 -6.56 -14.75
CA ASP A 32 -16.35 -5.27 -14.92
C ASP A 32 -17.64 -5.24 -14.11
N THR A 33 -17.90 -4.11 -13.44
CA THR A 33 -19.08 -3.97 -12.62
CA THR A 33 -19.10 -3.98 -12.62
C THR A 33 -19.68 -2.62 -12.88
N SER A 34 -20.96 -2.59 -13.23
CA SER A 34 -21.62 -1.32 -13.46
C SER A 34 -21.71 -0.51 -12.16
N SER A 35 -21.64 0.80 -12.33
CA SER A 35 -21.51 1.72 -11.20
C SER A 35 -22.32 3.02 -11.37
N ARG A 36 -22.73 3.55 -10.21
CA ARG A 36 -23.33 4.88 -10.09
CA ARG A 36 -23.34 4.87 -10.07
C ARG A 36 -22.67 5.50 -8.86
N LEU A 37 -22.05 6.67 -9.06
CA LEU A 37 -21.29 7.37 -8.03
C LEU A 37 -21.89 8.74 -7.94
N CYS A 38 -22.53 8.98 -6.82
CA CYS A 38 -23.10 10.30 -6.57
CA CYS A 38 -23.14 10.22 -6.50
C CYS A 38 -22.21 11.07 -5.62
N LEU A 39 -21.80 12.24 -6.07
CA LEU A 39 -21.06 13.19 -5.24
C LEU A 39 -21.97 14.40 -5.09
N GLU A 40 -22.38 14.64 -3.87
CA GLU A 40 -23.26 15.74 -3.60
C GLU A 40 -22.69 16.61 -2.50
N GLY A 41 -22.87 17.93 -2.62
CA GLY A 41 -22.43 18.85 -1.61
C GLY A 41 -23.54 19.10 -0.62
N LEU A 42 -23.16 19.24 0.65
CA LEU A 42 -24.09 19.57 1.72
C LEU A 42 -23.53 20.75 2.49
N ASN A 43 -24.41 21.37 3.25
CA ASN A 43 -24.06 22.48 4.12
C ASN A 43 -23.19 23.52 3.44
N ASN A 44 -23.79 24.19 2.47
CA ASN A 44 -23.10 25.14 1.58
C ASN A 44 -21.76 24.62 1.07
N ASN A 45 -21.81 23.38 0.59
CA ASN A 45 -20.67 22.64 0.03
C ASN A 45 -19.48 22.53 0.95
N GLN A 46 -19.73 22.53 2.24
CA GLN A 46 -18.67 22.35 3.21
C GLN A 46 -18.44 20.86 3.51
N THR A 47 -19.40 20.01 3.16
CA THR A 47 -19.29 18.55 3.29
C THR A 47 -19.61 18.01 1.91
N VAL A 48 -18.87 16.99 1.44
CA VAL A 48 -19.29 16.24 0.25
C VAL A 48 -19.63 14.79 0.62
N ARG A 49 -20.85 14.34 0.28
CA ARG A 49 -21.24 12.97 0.50
C ARG A 49 -21.07 12.17 -0.78
N LEU A 50 -20.37 11.05 -0.65
CA LEU A 50 -20.14 10.16 -1.76
C LEU A 50 -20.97 8.89 -1.59
N THR A 51 -21.77 8.53 -2.61
CA THR A 51 -22.57 7.31 -2.55
C THR A 51 -22.20 6.54 -3.80
N LEU A 52 -21.41 5.45 -3.62
CA LEU A 52 -21.02 4.55 -4.68
C LEU A 52 -21.84 3.26 -4.65
N SER A 53 -22.67 3.09 -5.67
CA SER A 53 -23.43 1.85 -5.88
C SER A 53 -22.76 1.09 -7.02
N ARG A 54 -22.48 -0.20 -6.81
CA ARG A 54 -22.00 -1.09 -7.88
C ARG A 54 -22.86 -2.37 -7.97
N SER A 55 -23.06 -2.87 -9.17
CA SER A 55 -23.95 -4.01 -9.37
CA SER A 55 -23.96 -4.01 -9.35
C SER A 55 -23.47 -5.24 -8.58
N GLY A 56 -24.36 -5.80 -7.78
CA GLY A 56 -24.05 -6.98 -6.97
C GLY A 56 -23.27 -6.71 -5.69
N LYS A 57 -23.09 -5.43 -5.33
CA LYS A 57 -22.31 -5.05 -4.16
C LYS A 57 -23.13 -4.14 -3.24
N ASP A 58 -22.73 -4.04 -1.98
CA ASP A 58 -23.36 -3.09 -1.07
C ASP A 58 -22.92 -1.71 -1.46
N ASP A 59 -23.77 -0.72 -1.19
CA ASP A 59 -23.42 0.69 -1.38
C ASP A 59 -22.25 1.07 -0.47
N VAL A 60 -21.45 2.03 -0.92
CA VAL A 60 -20.39 2.62 -0.13
C VAL A 60 -20.74 4.10 0.07
N ILE A 61 -20.81 4.56 1.31
CA ILE A 61 -21.13 5.94 1.58
C ILE A 61 -20.01 6.53 2.36
N ARG A 62 -19.47 7.66 1.91
CA ARG A 62 -18.35 8.35 2.57
C ARG A 62 -18.68 9.83 2.62
N GLU A 63 -18.17 10.52 3.62
CA GLU A 63 -18.31 11.96 3.66
C GLU A 63 -16.99 12.62 3.92
N PHE A 64 -16.70 13.66 3.16
CA PHE A 64 -15.44 14.42 3.22
C PHE A 64 -15.71 15.82 3.67
N ARG A 65 -14.86 16.35 4.56
CA ARG A 65 -14.88 17.74 4.93
C ARG A 65 -13.60 18.47 4.48
N SER A 66 -12.66 17.73 3.87
CA SER A 66 -11.41 18.31 3.39
C SER A 66 -10.83 17.37 2.37
N VAL A 67 -9.89 17.88 1.58
CA VAL A 67 -9.05 17.05 0.75
C VAL A 67 -7.62 17.32 1.17
N GLY A 68 -6.80 16.32 1.05
CA GLY A 68 -5.37 16.53 1.28
C GLY A 68 -4.77 15.17 1.13
N GLY A 69 -3.71 14.92 1.89
CA GLY A 69 -3.12 13.63 1.97
C GLY A 69 -2.56 13.30 0.62
N GLY A 70 -3.05 12.21 0.06
CA GLY A 70 -2.53 11.69 -1.19
C GLY A 70 -3.23 12.16 -2.43
N LEU A 71 -4.05 13.20 -2.29
CA LEU A 71 -4.88 13.75 -3.37
C LEU A 71 -4.45 15.13 -3.77
N LEU A 72 -4.33 15.35 -5.08
CA LEU A 72 -4.17 16.69 -5.62
C LEU A 72 -5.10 16.88 -6.82
N PHE A 73 -5.67 18.09 -6.92
CA PHE A 73 -6.63 18.44 -8.00
C PHE A 73 -6.17 19.60 -8.86
N PHE A 74 -6.55 19.50 -10.13
CA PHE A 74 -6.51 20.61 -11.08
C PHE A 74 -7.83 21.35 -11.13
N GLU A 75 -7.79 22.55 -11.72
CA GLU A 75 -8.95 23.45 -11.61
C GLU A 75 -10.17 22.95 -12.30
N ASN A 76 -10.02 22.07 -13.28
CA ASN A 76 -11.17 21.46 -13.93
C ASN A 76 -11.73 20.25 -13.20
N GLY A 77 -11.17 19.94 -12.03
CA GLY A 77 -11.64 18.81 -11.25
C GLY A 77 -10.83 17.56 -11.47
N SER A 78 -9.97 17.52 -12.48
CA SER A 78 -9.11 16.36 -12.66
C SER A 78 -8.21 16.18 -11.46
N PHE A 79 -7.83 14.95 -11.17
CA PHE A 79 -7.05 14.69 -9.95
C PHE A 79 -6.24 13.43 -10.02
N SER A 80 -5.42 13.25 -9.01
CA SER A 80 -4.74 12.01 -8.79
C SER A 80 -4.78 11.66 -7.33
N GLU A 81 -4.89 10.37 -7.07
CA GLU A 81 -4.90 9.81 -5.72
C GLU A 81 -3.86 8.70 -5.61
N GLY A 82 -3.21 8.59 -4.46
CA GLY A 82 -2.26 7.51 -4.21
C GLY A 82 -1.51 7.69 -2.95
N LEU A 83 -0.46 6.90 -2.78
CA LEU A 83 0.29 7.02 -1.54
C LEU A 83 1.25 8.20 -1.59
N ILE A 84 1.44 8.75 -0.40
CA ILE A 84 2.40 9.82 -0.13
C ILE A 84 3.85 9.30 -0.07
N GLN A 85 4.08 8.19 0.63
CA GLN A 85 5.44 7.67 0.90
C GLN A 85 5.52 6.18 0.57
N LEU A 86 6.43 5.80 -0.32
CA LEU A 86 6.63 4.41 -0.66
C LEU A 86 7.70 3.75 0.18
N GLY A 87 7.68 2.43 0.25
CA GLY A 87 8.61 1.70 1.10
C GLY A 87 8.29 0.24 1.12
N PRO A 88 9.00 -0.53 1.98
CA PRO A 88 9.01 -2.01 1.97
C PRO A 88 7.65 -2.71 1.78
N PHE A 89 6.63 -2.22 2.48
CA PHE A 89 5.27 -2.78 2.37
C PHE A 89 4.30 -1.96 1.58
N SER A 90 4.71 -0.78 1.15
CA SER A 90 3.85 0.13 0.42
C SER A 90 4.15 -0.02 -1.02
N GLU A 91 3.30 -0.78 -1.75
CA GLU A 91 3.47 -0.98 -3.18
C GLU A 91 3.26 0.30 -3.99
N PHE A 92 3.86 0.33 -5.17
CA PHE A 92 3.64 1.42 -6.10
C PHE A 92 2.24 1.25 -6.76
N GLY A 93 1.70 2.36 -7.23
CA GLY A 93 0.38 2.41 -7.80
C GLY A 93 -0.26 3.76 -7.59
N GLY A 94 -1.55 3.88 -7.90
CA GLY A 94 -2.27 5.10 -7.66
C GLY A 94 -3.23 5.34 -8.83
N GLU A 95 -3.94 6.47 -8.78
CA GLU A 95 -5.01 6.75 -9.72
C GLU A 95 -4.75 8.07 -10.44
N LEU A 96 -4.95 8.08 -11.75
CA LEU A 96 -5.01 9.30 -12.53
C LEU A 96 -6.42 9.46 -13.05
N ALA A 97 -7.04 10.58 -12.75
CA ALA A 97 -8.46 10.81 -13.01
C ALA A 97 -8.65 12.07 -13.85
N PHE A 98 -9.04 11.89 -15.12
CA PHE A 98 -9.34 12.98 -16.04
C PHE A 98 -10.83 13.34 -16.05
N VAL A 99 -11.13 14.63 -16.02
CA VAL A 99 -12.45 15.17 -16.18
C VAL A 99 -12.49 15.96 -17.49
N HIS A 100 -13.52 15.71 -18.30
CA HIS A 100 -13.75 16.45 -19.55
C HIS A 100 -15.22 16.47 -19.89
N GLU A 101 -15.85 17.64 -19.76
CA GLU A 101 -17.25 17.83 -20.12
C GLU A 101 -18.12 16.81 -19.35
N ASN A 102 -18.81 15.91 -20.05
CA ASN A 102 -19.74 14.95 -19.41
C ASN A 102 -19.08 13.63 -18.98
N ARG A 103 -17.77 13.55 -19.06
CA ARG A 103 -17.03 12.31 -18.87
C ARG A 103 -15.96 12.45 -17.82
N ARG A 104 -15.72 11.34 -17.12
CA ARG A 104 -14.45 11.14 -16.42
C ARG A 104 -13.85 9.84 -16.94
N LEU A 105 -12.53 9.81 -16.96
CA LEU A 105 -11.80 8.59 -17.24
C LEU A 105 -10.77 8.49 -16.16
N ARG A 106 -10.88 7.43 -15.36
CA ARG A 106 -10.03 7.30 -14.18
C ARG A 106 -9.29 5.99 -14.29
N LEU A 107 -7.98 6.06 -14.20
CA LEU A 107 -7.15 4.88 -14.38
C LEU A 107 -6.33 4.61 -13.13
N VAL A 108 -6.51 3.43 -12.55
CA VAL A 108 -5.72 2.94 -11.45
C VAL A 108 -4.69 1.89 -11.91
N GLN A 109 -3.45 2.10 -11.49
CA GLN A 109 -2.37 1.13 -11.66
C GLN A 109 -2.01 0.52 -10.32
N LEU A 110 -1.73 -0.77 -10.36
CA LEU A 110 -1.46 -1.57 -9.17
C LEU A 110 -0.22 -2.41 -9.43
N PHE A 111 0.79 -2.26 -8.57
CA PHE A 111 2.05 -2.99 -8.66
C PHE A 111 2.16 -3.98 -7.52
N ASP A 112 2.85 -5.06 -7.79
CA ASP A 112 3.07 -6.11 -6.82
C ASP A 112 4.27 -5.87 -5.92
N ARG A 113 4.59 -6.84 -5.11
CA ARG A 113 5.68 -6.67 -4.14
C ARG A 113 7.06 -6.67 -4.77
N ASN A 114 7.17 -7.20 -5.99
CA ASN A 114 8.44 -7.22 -6.71
C ASN A 114 8.57 -6.01 -7.62
N GLY A 115 7.64 -5.07 -7.47
CA GLY A 115 7.67 -3.85 -8.24
C GLY A 115 7.26 -3.98 -9.68
N HIS A 116 6.43 -4.99 -10.03
CA HIS A 116 5.94 -5.17 -11.38
C HIS A 116 4.45 -4.86 -11.47
N LEU A 117 4.00 -4.30 -12.59
CA LEU A 117 2.58 -4.03 -12.79
C LEU A 117 1.78 -5.33 -12.68
N ASN A 118 0.79 -5.31 -11.79
CA ASN A 118 -0.07 -6.46 -11.47
C ASN A 118 -1.48 -6.35 -12.11
N GLY A 119 -1.99 -5.13 -12.24
CA GLY A 119 -3.30 -4.94 -12.78
C GLY A 119 -3.61 -3.47 -12.92
N LEU A 120 -4.65 -3.22 -13.68
CA LEU A 120 -5.24 -1.89 -13.78
C LEU A 120 -6.74 -1.88 -13.62
N THR A 121 -7.25 -0.74 -13.18
CA THR A 121 -8.68 -0.51 -13.10
C THR A 121 -8.96 0.73 -13.99
N LEU A 122 -9.91 0.58 -14.88
CA LEU A 122 -10.34 1.64 -15.76
C LEU A 122 -11.75 1.97 -15.42
N ILE A 123 -11.99 3.20 -14.98
CA ILE A 123 -13.28 3.63 -14.57
C ILE A 123 -13.75 4.66 -15.59
N ARG A 124 -14.73 4.28 -16.40
CA ARG A 124 -15.27 5.12 -17.47
C ARG A 124 -16.65 5.59 -17.07
N GLU A 125 -16.78 6.90 -16.85
CA GLU A 125 -17.96 7.48 -16.26
C GLU A 125 -18.51 8.60 -17.12
N HIS A 126 -19.83 8.66 -17.20
CA HIS A 126 -20.55 9.72 -17.89
C HIS A 126 -21.60 10.25 -16.93
N LEU A 127 -21.85 11.53 -17.04
CA LEU A 127 -22.90 12.15 -16.24
C LEU A 127 -24.23 11.49 -16.57
N ALA A 128 -25.00 11.21 -15.51
CA ALA A 128 -26.31 10.61 -15.62
C ALA A 128 -27.17 11.47 -16.55
N GLY A 129 -27.78 10.82 -17.54
CA GLY A 129 -28.59 11.49 -18.55
C GLY A 129 -27.84 12.05 -19.74
N THR A 130 -26.53 11.85 -19.76
CA THR A 130 -25.71 12.28 -20.91
C THR A 130 -25.22 11.06 -21.64
N PRO A 131 -24.74 11.21 -22.88
CA PRO A 131 -24.29 10.04 -23.62
C PRO A 131 -23.12 9.32 -22.99
N VAL A 132 -23.04 8.01 -23.21
CA VAL A 132 -21.91 7.19 -22.73
C VAL A 132 -20.60 7.69 -23.34
N ALA A 133 -20.67 8.06 -24.62
CA ALA A 133 -19.61 8.76 -25.28
C ALA A 133 -18.32 7.99 -25.14
N GLU A 134 -18.38 6.69 -25.37
CA GLU A 134 -17.21 5.86 -25.36
C GLU A 134 -16.27 6.17 -26.55
N ARG A 135 -15.01 6.43 -26.26
CA ARG A 135 -14.03 6.59 -27.34
C ARG A 135 -13.57 5.20 -27.80
N PRO A 136 -13.01 5.11 -29.01
CA PRO A 136 -12.47 3.84 -29.56
C PRO A 136 -11.34 3.26 -28.72
N LEU A 137 -11.16 1.94 -28.79
CA LEU A 137 -9.97 1.31 -28.28
C LEU A 137 -8.76 2.04 -28.87
N LEU A 138 -7.81 2.43 -28.04
CA LEU A 138 -6.63 3.13 -28.54
C LEU A 138 -5.73 2.24 -29.41
N GLN A 139 -5.31 2.77 -30.56
CA GLN A 139 -4.38 2.09 -31.46
C GLN A 139 -3.13 2.92 -31.66
N ILE A 140 -2.00 2.30 -31.94
CA ILE A 140 -0.77 3.07 -32.22
C ILE A 140 -1.02 4.10 -33.31
N ASN A 141 -1.70 3.67 -34.36
CA ASN A 141 -1.98 4.58 -35.44
C ASN A 141 -2.76 5.84 -35.06
N ASP A 142 -3.48 5.81 -33.95
CA ASP A 142 -4.15 7.01 -33.46
C ASP A 142 -3.16 8.06 -32.93
N LEU A 143 -1.95 7.62 -32.61
CA LEU A 143 -0.98 8.50 -31.98
C LEU A 143 0.12 9.00 -32.90
N LEU A 144 0.32 8.34 -34.03
CA LEU A 144 1.42 8.70 -34.90
C LEU A 144 1.24 10.13 -35.37
N GLY A 145 2.34 10.88 -35.36
CA GLY A 145 2.33 12.24 -35.84
C GLY A 145 3.02 13.09 -34.80
N GLU A 146 2.61 14.35 -34.74
CA GLU A 146 3.12 15.30 -33.78
C GLU A 146 2.01 15.99 -33.00
N TRP A 147 2.32 16.25 -31.74
CA TRP A 147 1.41 16.79 -30.75
C TRP A 147 2.12 17.93 -30.07
N ARG A 148 1.40 19.02 -29.81
CA ARG A 148 1.99 20.18 -29.15
C ARG A 148 1.00 20.66 -28.10
N GLY A 149 1.52 21.12 -26.96
CA GLY A 149 0.68 21.68 -25.96
C GLY A 149 1.43 22.26 -24.80
N GLN A 150 0.76 22.25 -23.66
CA GLN A 150 1.23 22.86 -22.42
C GLN A 150 0.97 21.87 -21.26
N ALA A 151 1.74 22.01 -20.19
CA ALA A 151 1.62 21.16 -19.02
C ALA A 151 1.60 22.08 -17.82
N VAL A 152 0.79 21.74 -16.83
CA VAL A 152 0.79 22.38 -15.53
C VAL A 152 1.25 21.34 -14.50
N THR A 153 2.22 21.74 -13.68
CA THR A 153 2.70 20.92 -12.57
C THR A 153 2.29 21.64 -11.32
N ILE A 154 1.60 20.88 -10.48
CA ILE A 154 1.25 21.31 -9.14
C ILE A 154 1.95 20.46 -8.07
N TYR A 155 2.03 21.03 -6.86
CA TYR A 155 2.91 20.54 -5.80
C TYR A 155 2.11 20.29 -4.55
N ARG A 156 2.59 19.36 -3.75
CA ARG A 156 1.95 19.04 -2.48
C ARG A 156 1.98 20.09 -1.45
N ASP A 157 3.03 20.90 -1.44
CA ASP A 157 3.13 22.04 -0.56
C ASP A 157 2.31 23.20 -1.08
N LEU A 158 1.66 23.00 -2.22
CA LEU A 158 0.77 23.99 -2.78
C LEU A 158 1.46 25.34 -3.09
N ARG A 159 2.80 25.28 -3.17
CA ARG A 159 3.65 26.33 -3.79
C ARG A 159 3.13 26.54 -5.19
N PRO A 160 3.47 27.67 -5.83
CA PRO A 160 2.78 28.03 -7.06
C PRO A 160 3.03 27.05 -8.20
N PRO A 161 2.02 26.80 -9.04
CA PRO A 161 2.22 25.87 -10.14
C PRO A 161 3.25 26.32 -11.15
N ASP A 162 3.87 25.36 -11.82
CA ASP A 162 4.73 25.61 -12.94
C ASP A 162 4.08 25.24 -14.26
N ILE A 163 4.44 25.99 -15.33
CA ILE A 163 3.85 25.80 -16.66
CA ILE A 163 3.85 25.79 -16.65
C ILE A 163 4.97 25.57 -17.64
N TYR A 164 4.80 24.58 -18.51
CA TYR A 164 5.80 24.14 -19.46
C TYR A 164 5.17 23.95 -20.82
N SER A 165 5.97 24.05 -21.87
CA SER A 165 5.60 23.65 -23.22
CA SER A 165 5.56 23.65 -23.20
C SER A 165 5.91 22.17 -23.43
N THR A 166 5.06 21.51 -24.19
CA THR A 166 5.28 20.10 -24.50
C THR A 166 5.22 19.89 -25.98
N THR A 167 5.99 18.90 -26.43
CA THR A 167 6.00 18.38 -27.79
C THR A 167 6.05 16.85 -27.66
N LEU A 168 5.31 16.15 -28.50
CA LEU A 168 5.42 14.71 -28.58
C LEU A 168 5.38 14.33 -30.03
N LYS A 169 6.41 13.65 -30.50
CA LYS A 169 6.48 13.14 -31.88
C LYS A 169 6.56 11.62 -31.81
N ILE A 170 5.73 10.94 -32.59
CA ILE A 170 5.67 9.49 -32.57
C ILE A 170 5.65 9.05 -34.03
N GLN A 171 6.64 8.26 -34.42
CA GLN A 171 6.68 7.75 -35.77
C GLN A 171 7.16 6.32 -35.78
N LEU A 172 6.73 5.56 -36.80
CA LEU A 172 7.26 4.23 -37.02
C LEU A 172 8.56 4.42 -37.77
N ASP A 173 9.59 3.66 -37.40
CA ASP A 173 10.80 3.58 -38.21
C ASP A 173 10.64 2.39 -39.15
N ASP A 174 11.72 1.89 -39.75
CA ASP A 174 11.53 1.15 -41.00
C ASP A 174 11.94 -0.32 -41.28
N ALA A 175 12.37 -1.23 -40.38
CA ALA A 175 12.18 -1.50 -38.94
C ALA A 175 10.81 -1.76 -38.34
N GLY A 176 9.89 -0.80 -38.33
CA GLY A 176 8.56 -1.04 -37.77
C GLY A 176 8.56 -0.85 -36.26
N ARG A 177 9.67 -0.38 -35.73
CA ARG A 177 9.74 0.02 -34.35
C ARG A 177 9.18 1.42 -34.23
N LEU A 178 8.86 1.80 -33.01
CA LEU A 178 8.31 3.09 -32.70
C LEU A 178 9.45 4.00 -32.27
N GLN A 180 9.82 7.66 -30.43
CA GLN A 180 9.09 8.67 -29.68
C GLN A 180 10.07 9.71 -29.15
N SER A 181 9.77 10.99 -29.41
CA SER A 181 10.53 12.11 -28.95
C SER A 181 9.60 12.98 -28.17
N THR A 182 9.89 13.17 -26.89
CA THR A 182 9.03 13.93 -26.02
C THR A 182 9.82 15.08 -25.37
N SER A 183 9.28 16.30 -25.53
CA SER A 183 9.85 17.49 -24.88
C SER A 183 8.93 17.97 -23.81
N PHE A 184 9.53 18.32 -22.68
CA PHE A 184 8.81 18.81 -21.56
C PHE A 184 9.65 19.94 -21.00
N GLY A 185 9.19 21.18 -21.15
CA GLY A 185 10.07 22.32 -20.85
C GLY A 185 11.42 22.19 -21.54
N GLU A 186 12.51 22.29 -20.78
CA GLU A 186 13.84 22.26 -21.36
C GLU A 186 14.37 20.82 -21.61
N ARG A 187 13.59 19.81 -21.28
CA ARG A 187 14.00 18.41 -21.38
C ARG A 187 13.40 17.71 -22.58
N THR A 188 14.26 17.14 -23.41
CA THR A 188 13.78 16.23 -24.48
C THR A 188 14.35 14.81 -24.29
N ILE A 189 13.48 13.81 -24.45
CA ILE A 189 13.91 12.40 -24.44
C ILE A 189 13.40 11.70 -25.69
N THR A 190 14.31 11.15 -26.49
CA THR A 190 14.01 10.48 -27.73
C THR A 190 14.45 9.03 -27.59
N SER A 191 13.52 8.09 -27.70
CA SER A 191 13.83 6.65 -27.53
C SER A 191 13.05 5.82 -28.52
N THR A 192 13.63 4.71 -28.92
CA THR A 192 12.97 3.73 -29.76
C THR A 192 12.30 2.68 -28.91
N ALA A 193 11.16 2.17 -29.36
CA ALA A 193 10.41 1.12 -28.68
C ALA A 193 10.00 0.02 -29.64
N THR A 194 9.72 -1.15 -29.09
CA THR A 194 9.15 -2.24 -29.89
C THR A 194 7.65 -2.33 -29.59
N ILE A 195 6.88 -2.71 -30.59
CA ILE A 195 5.43 -2.85 -30.39
C ILE A 195 5.07 -4.32 -30.41
N LYS A 196 4.32 -4.75 -29.41
CA LYS A 196 3.88 -6.15 -29.34
C LYS A 196 2.40 -6.10 -28.89
N GLY A 197 1.52 -6.13 -29.88
CA GLY A 197 0.08 -6.03 -29.68
C GLY A 197 -0.34 -4.70 -29.10
N SER A 198 -0.91 -4.77 -27.91
CA SER A 198 -1.38 -3.58 -27.19
CA SER A 198 -1.37 -3.56 -27.22
C SER A 198 -0.30 -2.99 -26.28
N ILE A 199 0.92 -3.57 -26.32
CA ILE A 199 2.02 -3.09 -25.48
C ILE A 199 3.17 -2.56 -26.31
N VAL A 200 3.63 -1.38 -25.93
CA VAL A 200 4.80 -0.74 -26.50
C VAL A 200 5.87 -0.79 -25.42
N LEU A 201 7.01 -1.33 -25.76
CA LEU A 201 8.08 -1.59 -24.79
C LEU A 201 9.28 -0.69 -25.05
N PHE A 202 9.59 0.15 -24.06
CA PHE A 202 10.85 0.94 -24.02
C PHE A 202 11.80 0.34 -22.98
N ASP A 203 12.86 -0.31 -23.42
CA ASP A 203 13.75 -0.97 -22.47
C ASP A 203 15.25 -0.77 -22.73
N GLN A 204 15.62 0.18 -23.61
CA GLN A 204 17.02 0.41 -23.98
C GLN A 204 17.65 1.50 -23.11
N ASP A 205 16.92 2.59 -22.95
CA ASP A 205 17.45 3.87 -22.42
C ASP A 205 17.17 3.92 -20.93
N PRO A 206 18.18 4.25 -20.08
CA PRO A 206 17.89 4.36 -18.65
C PRO A 206 16.92 5.46 -18.28
N GLU A 207 16.72 6.47 -19.15
CA GLU A 207 15.69 7.51 -18.93
C GLU A 207 14.26 7.09 -19.33
N LYS A 208 14.10 5.93 -19.96
CA LYS A 208 12.75 5.49 -20.36
C LYS A 208 12.67 3.99 -20.33
N GLN A 209 12.38 3.47 -19.14
CA GLN A 209 12.27 2.01 -18.88
C GLN A 209 10.81 1.71 -18.55
N VAL A 210 9.98 1.55 -19.58
CA VAL A 210 8.52 1.56 -19.37
C VAL A 210 7.82 0.70 -20.35
N GLN A 211 6.62 0.26 -19.98
CA GLN A 211 5.73 -0.37 -20.95
C GLN A 211 4.57 0.57 -21.11
N VAL A 212 4.07 0.71 -22.33
CA VAL A 212 2.83 1.51 -22.51
C VAL A 212 1.75 0.56 -22.96
N LEU A 213 0.62 0.59 -22.29
CA LEU A 213 -0.47 -0.30 -22.65
C LEU A 213 -1.62 0.52 -23.21
N LEU A 214 -2.10 0.09 -24.37
CA LEU A 214 -3.17 0.81 -25.05
C LEU A 214 -4.49 0.17 -24.63
N LEU A 215 -5.45 0.99 -24.25
CA LEU A 215 -6.67 0.51 -23.65
C LEU A 215 -7.94 1.04 -24.32
N PRO A 216 -9.10 0.52 -23.86
CA PRO A 216 -10.35 1.12 -24.29
C PRO A 216 -10.51 2.64 -23.96
N ASP A 217 -11.45 3.24 -24.67
CA ASP A 217 -11.88 4.62 -24.41
C ASP A 217 -10.75 5.63 -24.61
N GLY A 218 -9.85 5.30 -25.53
CA GLY A 218 -8.69 6.15 -25.89
C GLY A 218 -7.67 6.29 -24.78
N ALA A 219 -7.72 5.37 -23.81
CA ALA A 219 -6.83 5.39 -22.64
C ALA A 219 -5.49 4.68 -22.87
N SER A 220 -4.47 5.17 -22.20
CA SER A 220 -3.21 4.48 -22.15
C SER A 220 -2.67 4.51 -20.73
N ALA A 221 -1.89 3.50 -20.41
CA ALA A 221 -1.18 3.47 -19.14
C ALA A 221 0.32 3.29 -19.40
N THR A 222 1.16 4.12 -18.82
CA THR A 222 2.62 3.97 -18.92
C THR A 222 3.16 3.60 -17.55
N SER A 223 3.84 2.46 -17.48
CA SER A 223 4.26 1.81 -16.25
C SER A 223 5.76 1.55 -16.25
N PRO A 224 6.44 1.85 -15.12
CA PRO A 224 7.81 1.38 -14.94
C PRO A 224 7.94 -0.13 -15.21
N LEU A 225 9.00 -0.57 -15.89
CA LEU A 225 9.20 -2.00 -16.05
C LEU A 225 9.44 -2.69 -14.70
N LYS A 226 10.09 -1.98 -13.78
CA LYS A 226 10.29 -2.49 -12.43
C LYS A 226 10.52 -1.33 -11.54
N VAL A 227 9.77 -1.28 -10.45
CA VAL A 227 10.02 -0.30 -9.43
C VAL A 227 11.30 -0.68 -8.70
N GLN A 228 12.31 0.20 -8.77
CA GLN A 228 13.64 -0.04 -8.18
C GLN A 228 13.83 0.83 -6.94
N LEU A 229 14.57 0.34 -5.97
CA LEU A 229 14.99 1.18 -4.85
C LEU A 229 15.88 2.32 -5.36
N ARG A 230 15.72 3.48 -4.71
CA ARG A 230 16.52 4.67 -4.95
C ARG A 230 16.49 5.15 -6.38
N GLN A 231 15.34 5.01 -7.01
CA GLN A 231 15.10 5.64 -8.30
C GLN A 231 13.80 6.44 -8.22
N PRO A 232 13.73 7.57 -8.93
CA PRO A 232 12.45 8.30 -8.99
C PRO A 232 11.45 7.48 -9.80
N LEU A 233 10.18 7.67 -9.51
CA LEU A 233 9.08 6.93 -10.09
C LEU A 233 8.01 7.87 -10.59
N PHE A 234 7.38 7.44 -11.68
CA PHE A 234 6.40 8.25 -12.42
C PHE A 234 5.25 7.30 -12.80
N LEU A 235 4.06 7.59 -12.31
CA LEU A 235 2.84 6.89 -12.68
C LEU A 235 2.16 7.76 -13.74
N GLU A 236 1.92 7.20 -14.94
CA GLU A 236 1.43 8.00 -16.06
CA GLU A 236 1.48 7.95 -16.07
C GLU A 236 0.26 7.27 -16.73
N ALA A 237 -0.69 8.10 -17.16
CA ALA A 237 -1.81 7.68 -17.98
C ALA A 237 -2.06 8.79 -18.99
N GLY A 238 -2.83 8.44 -19.98
CA GLY A 238 -3.19 9.31 -21.09
C GLY A 238 -4.61 9.04 -21.49
N TRP A 239 -5.21 10.02 -22.14
CA TRP A 239 -6.55 9.87 -22.68
C TRP A 239 -6.67 10.65 -23.95
N LEU A 240 -6.91 9.94 -25.06
CA LEU A 240 -7.14 10.55 -26.38
C LEU A 240 -8.63 10.94 -26.40
N ILE A 241 -8.89 12.16 -25.99
CA ILE A 241 -10.25 12.65 -25.78
C ILE A 241 -11.01 12.85 -27.10
N GLN A 242 -10.31 13.36 -28.10
CA GLN A 242 -10.79 13.46 -29.48
C GLN A 242 -9.64 13.04 -30.38
N SER A 243 -9.87 12.82 -31.67
CA SER A 243 -8.76 12.41 -32.57
C SER A 243 -7.56 13.38 -32.53
N ASP A 244 -7.80 14.64 -32.18
CA ASP A 244 -6.74 15.67 -32.21
C ASP A 244 -6.52 16.34 -30.86
N LEU A 245 -7.00 15.70 -29.79
CA LEU A 245 -6.85 16.21 -28.44
C LEU A 245 -6.52 15.08 -27.45
N ARG A 246 -5.39 15.21 -26.75
CA ARG A 246 -4.97 14.21 -25.79
C ARG A 246 -4.50 14.86 -24.53
N GLN A 247 -4.82 14.24 -23.40
CA GLN A 247 -4.23 14.64 -22.15
C GLN A 247 -3.37 13.53 -21.63
N ARG A 248 -2.32 13.91 -20.92
CA ARG A 248 -1.48 12.96 -20.18
C ARG A 248 -1.36 13.45 -18.73
N ILE A 250 0.81 12.71 -14.99
CA ILE A 250 2.00 12.11 -14.39
C ILE A 250 2.05 12.45 -12.91
N ARG A 251 2.00 11.43 -12.06
CA ARG A 251 2.19 11.54 -10.61
C ARG A 251 3.65 11.18 -10.30
N SER A 252 4.40 12.13 -9.78
CA SER A 252 5.85 12.01 -9.68
C SER A 252 6.35 11.79 -8.26
N TYR A 253 7.25 10.82 -8.11
CA TYR A 253 7.88 10.49 -6.83
C TYR A 253 9.39 10.73 -6.91
N ASN A 254 9.99 11.25 -5.84
CA ASN A 254 11.47 11.40 -5.81
C ASN A 254 12.13 10.04 -5.47
N ASP A 255 13.46 9.97 -5.58
CA ASP A 255 14.16 8.70 -5.30
C ASP A 255 14.20 8.28 -3.84
N LYS A 256 13.57 9.06 -2.96
CA LYS A 256 13.35 8.64 -1.57
C LYS A 256 11.94 8.03 -1.40
N GLY A 257 11.23 7.87 -2.50
CA GLY A 257 9.85 7.38 -2.54
C GLY A 257 8.79 8.32 -2.02
N GLU A 258 9.08 9.62 -1.96
CA GLU A 258 8.14 10.64 -1.50
C GLU A 258 7.41 11.19 -2.72
N TRP A 259 6.07 11.25 -2.71
CA TRP A 259 5.33 11.95 -3.72
C TRP A 259 5.68 13.44 -3.73
N VAL A 260 6.02 13.99 -4.89
CA VAL A 260 6.42 15.39 -4.92
C VAL A 260 5.48 16.27 -5.73
N SER A 261 4.86 15.74 -6.79
CA SER A 261 4.11 16.60 -7.70
C SER A 261 3.18 15.82 -8.63
N LEU A 262 2.32 16.56 -9.32
CA LEU A 262 1.38 16.02 -10.29
C LEU A 262 1.33 16.95 -11.46
N THR A 263 1.39 16.38 -12.65
CA THR A 263 1.42 17.14 -13.90
C THR A 263 0.29 16.73 -14.84
N LEU A 264 -0.35 17.74 -15.48
CA LEU A 264 -1.37 17.51 -16.48
C LEU A 264 -0.99 18.22 -17.77
N VAL A 265 -0.80 17.40 -18.80
CA VAL A 265 -0.44 17.83 -20.14
C VAL A 265 -1.70 17.85 -21.01
N THR A 266 -1.94 18.93 -21.72
CA THR A 266 -2.98 18.93 -22.74
C THR A 266 -2.33 19.29 -24.05
N GLU A 267 -2.51 18.45 -25.07
CA GLU A 267 -1.81 18.58 -26.32
C GLU A 267 -2.76 18.39 -27.48
N GLU A 268 -2.47 19.04 -28.60
CA GLU A 268 -3.25 18.89 -29.78
C GLU A 268 -2.41 18.37 -30.93
N ARG A 269 -3.06 17.67 -31.84
CA ARG A 269 -2.41 17.07 -32.99
C ARG A 269 -2.04 18.16 -33.98
N VAL A 270 -0.83 18.08 -34.54
CA VAL A 270 -0.33 19.04 -35.48
C VAL A 270 -0.62 18.58 -36.89
N LYS B 3 14.82 7.71 24.15
CA LYS B 3 15.90 7.62 23.15
C LYS B 3 15.42 7.86 21.71
N SER B 4 16.28 8.40 20.85
CA SER B 4 15.86 8.67 19.46
C SER B 4 15.61 7.42 18.67
N GLN B 5 14.82 7.56 17.62
CA GLN B 5 14.46 6.41 16.84
C GLN B 5 15.72 5.76 16.27
N TRP B 6 16.68 6.58 15.86
CA TRP B 6 17.95 6.07 15.31
C TRP B 6 18.68 5.22 16.38
N GLU B 7 18.76 5.73 17.60
CA GLU B 7 19.42 5.00 18.67
C GLU B 7 18.62 3.73 19.06
N CYS B 8 17.29 3.76 18.95
CA CYS B 8 16.49 2.50 19.04
C CYS B 8 16.89 1.49 17.96
N PHE B 9 16.98 1.95 16.71
CA PHE B 9 17.39 1.13 15.59
C PHE B 9 18.74 0.47 15.91
N LEU B 10 19.67 1.23 16.49
CA LEU B 10 21.06 0.73 16.69
C LEU B 10 21.15 -0.38 17.74
N GLN B 11 20.08 -0.56 18.50
CA GLN B 11 19.93 -1.73 19.38
C GLN B 11 19.94 -3.03 18.62
N ASN B 12 19.63 -2.97 17.35
CA ASN B 12 19.60 -4.16 16.49
C ASN B 12 20.97 -4.50 15.88
N LEU B 13 22.03 -3.71 16.12
CA LEU B 13 23.32 -3.97 15.52
C LEU B 13 23.81 -5.32 16.00
N GLY B 14 24.44 -6.07 15.09
CA GLY B 14 24.93 -7.41 15.38
C GLY B 14 24.74 -8.36 14.23
N VAL B 15 25.17 -9.59 14.44
CA VAL B 15 24.99 -10.68 13.49
C VAL B 15 23.94 -11.65 14.03
N TRP B 16 22.80 -11.69 13.34
CA TRP B 16 21.64 -12.46 13.78
C TRP B 16 21.56 -13.73 12.93
N GLU B 17 21.82 -14.87 13.56
CA GLU B 17 21.71 -16.15 12.92
C GLU B 17 20.37 -16.74 13.19
N GLY B 18 19.81 -17.45 12.23
CA GLY B 18 18.52 -18.07 12.47
C GLY B 18 17.95 -18.71 11.23
N SER B 19 16.64 -18.57 11.10
CA SER B 19 15.90 -19.14 10.01
C SER B 19 14.70 -18.28 9.70
N PHE B 20 14.26 -18.34 8.44
CA PHE B 20 13.01 -17.78 8.03
C PHE B 20 12.09 -18.99 7.77
N SER B 21 10.97 -19.04 8.46
CA SER B 21 10.01 -20.13 8.32
C SER B 21 8.74 -19.55 7.77
N ASN B 22 8.26 -20.18 6.68
CA ASN B 22 7.00 -19.82 6.05
C ASN B 22 5.90 -20.75 6.44
N PHE B 23 4.73 -20.16 6.59
CA PHE B 23 3.56 -20.86 7.09
C PHE B 23 2.37 -20.57 6.21
N SER B 24 1.42 -21.49 6.22
CA SER B 24 0.13 -21.28 5.55
C SER B 24 -0.69 -20.29 6.39
N PRO B 25 -1.73 -19.70 5.79
CA PRO B 25 -2.64 -18.91 6.58
C PRO B 25 -3.40 -19.69 7.64
N GLU B 26 -3.29 -21.00 7.62
CA GLU B 26 -3.85 -21.84 8.66
C GLU B 26 -2.83 -22.17 9.78
N GLY B 27 -1.59 -21.69 9.64
CA GLY B 27 -0.53 -21.90 10.67
C GLY B 27 0.33 -23.14 10.54
N THR B 28 0.27 -23.79 9.40
CA THR B 28 1.07 -24.96 9.13
C THR B 28 2.43 -24.58 8.57
N LEU B 29 3.49 -25.15 9.14
CA LEU B 29 4.82 -24.87 8.69
C LEU B 29 4.99 -25.43 7.31
N LEU B 30 5.50 -24.63 6.38
CA LEU B 30 5.69 -25.03 4.98
C LEU B 30 7.17 -25.22 4.59
N ASN B 31 8.02 -24.37 5.12
CA ASN B 31 9.43 -24.34 4.71
CA ASN B 31 9.41 -24.47 4.83
C ASN B 31 10.20 -23.64 5.80
N ASP B 32 11.45 -23.99 5.93
CA ASP B 32 12.33 -23.30 6.84
C ASP B 32 13.67 -23.12 6.15
N THR B 33 14.24 -21.93 6.21
CA THR B 33 15.48 -21.64 5.44
C THR B 33 16.47 -20.95 6.37
N SER B 34 17.67 -21.49 6.52
CA SER B 34 18.69 -20.84 7.37
C SER B 34 19.01 -19.43 6.90
N SER B 35 19.18 -18.52 7.85
CA SER B 35 19.50 -17.14 7.53
C SER B 35 20.61 -16.58 8.42
N ARG B 36 21.24 -15.51 7.92
CA ARG B 36 22.22 -14.70 8.64
C ARG B 36 22.02 -13.28 8.19
N LEU B 37 21.74 -12.43 9.16
CA LEU B 37 21.50 -11.05 8.91
C LEU B 37 22.49 -10.26 9.72
N CYS B 38 23.43 -9.61 9.03
N CYS B 38 23.27 -9.50 8.98
CA CYS B 38 24.40 -8.73 9.65
CA CYS B 38 24.32 -8.67 9.47
C CYS B 38 23.97 -7.26 9.50
C CYS B 38 23.83 -7.23 9.46
N LEU B 39 23.73 -6.60 10.62
CA LEU B 39 23.48 -5.16 10.69
C LEU B 39 24.71 -4.52 11.32
N GLU B 40 25.35 -3.64 10.57
CA GLU B 40 26.61 -3.04 10.98
C GLU B 40 26.59 -1.56 10.72
N GLY B 41 27.16 -0.81 11.66
CA GLY B 41 27.20 0.62 11.53
C GLY B 41 28.49 0.98 10.82
N LEU B 42 28.43 2.02 9.98
CA LEU B 42 29.60 2.56 9.30
C LEU B 42 29.66 4.07 9.55
N ASN B 43 30.85 4.63 9.39
CA ASN B 43 31.12 6.05 9.61
C ASN B 43 30.54 6.54 10.95
N ASN B 44 30.98 5.89 12.03
CA ASN B 44 30.57 6.22 13.39
C ASN B 44 29.06 6.12 13.49
N ASN B 45 28.53 5.03 12.96
CA ASN B 45 27.09 4.71 13.02
C ASN B 45 26.17 5.75 12.40
N GLN B 46 26.68 6.50 11.43
CA GLN B 46 25.86 7.43 10.65
C GLN B 46 25.17 6.69 9.49
N THR B 47 25.74 5.55 9.10
CA THR B 47 25.13 4.65 8.12
C THR B 47 25.03 3.25 8.72
N VAL B 48 23.92 2.57 8.47
CA VAL B 48 23.80 1.18 8.85
C VAL B 48 23.65 0.33 7.60
N ARG B 49 24.47 -0.71 7.51
CA ARG B 49 24.39 -1.69 6.42
C ARG B 49 23.80 -3.01 6.89
N LEU B 50 22.77 -3.46 6.18
CA LEU B 50 22.09 -4.71 6.43
C LEU B 50 22.49 -5.66 5.35
N THR B 51 23.01 -6.82 5.72
CA THR B 51 23.28 -7.87 4.75
C THR B 51 22.58 -9.15 5.18
N LEU B 52 21.58 -9.58 4.39
CA LEU B 52 20.80 -10.79 4.65
C LEU B 52 21.16 -11.92 3.69
N SER B 53 21.73 -13.00 4.24
CA SER B 53 22.07 -14.19 3.49
C SER B 53 21.10 -15.30 3.91
N ARG B 54 20.61 -16.05 2.92
CA ARG B 54 19.71 -17.15 3.15
C ARG B 54 20.10 -18.28 2.24
N SER B 55 20.13 -19.49 2.77
CA SER B 55 20.45 -20.71 2.02
C SER B 55 19.81 -20.71 0.65
N GLY B 56 20.61 -20.85 -0.40
CA GLY B 56 20.06 -20.97 -1.74
C GLY B 56 19.47 -19.71 -2.36
N LYS B 57 19.46 -18.60 -1.64
CA LYS B 57 18.98 -17.34 -2.18
C LYS B 57 20.17 -16.39 -2.40
N ASP B 58 19.91 -15.31 -3.15
CA ASP B 58 20.90 -14.24 -3.36
C ASP B 58 20.91 -13.41 -2.09
N ASP B 59 22.08 -12.88 -1.73
CA ASP B 59 22.20 -11.90 -0.66
C ASP B 59 21.31 -10.69 -0.93
N VAL B 60 20.77 -10.11 0.12
CA VAL B 60 20.03 -8.86 0.02
C VAL B 60 20.78 -7.83 0.87
N ILE B 61 21.17 -6.73 0.24
CA ILE B 61 21.93 -5.70 0.91
C ILE B 61 21.15 -4.41 0.86
N ARG B 62 20.95 -3.79 2.02
CA ARG B 62 20.31 -2.48 2.11
C ARG B 62 21.16 -1.60 2.99
N GLU B 63 21.16 -0.29 2.71
CA GLU B 63 21.83 0.67 3.57
C GLU B 63 20.82 1.70 4.01
N PHE B 64 20.97 2.15 5.26
CA PHE B 64 20.04 3.05 5.92
C PHE B 64 20.83 4.22 6.44
N ARG B 65 20.35 5.42 6.12
CA ARG B 65 20.92 6.64 6.68
C ARG B 65 19.89 7.39 7.51
N SER B 66 18.65 6.89 7.54
CA SER B 66 17.65 7.36 8.53
C SER B 66 16.62 6.26 8.73
N VAL B 67 15.75 6.46 9.72
CA VAL B 67 14.57 5.63 9.94
C VAL B 67 13.36 6.56 10.06
N GLY B 68 12.19 6.07 9.66
CA GLY B 68 10.96 6.83 9.72
C GLY B 68 9.95 6.23 8.77
N GLY B 69 9.05 7.06 8.26
CA GLY B 69 7.95 6.54 7.45
C GLY B 69 7.08 5.49 8.16
N GLY B 70 7.02 4.29 7.59
CA GLY B 70 6.21 3.19 8.10
C GLY B 70 6.87 2.39 9.21
N LEU B 71 8.08 2.81 9.60
CA LEU B 71 8.91 2.11 10.60
C LEU B 71 8.93 2.89 11.90
N LEU B 72 8.70 2.18 13.00
CA LEU B 72 8.77 2.78 14.34
C LEU B 72 9.35 1.77 15.33
N PHE B 73 10.16 2.28 16.29
CA PHE B 73 10.92 1.45 17.23
C PHE B 73 10.52 1.76 18.65
N PHE B 74 10.59 0.72 19.49
CA PHE B 74 10.62 0.91 20.94
C PHE B 74 12.06 0.99 21.49
N GLU B 75 12.23 1.44 22.74
CA GLU B 75 13.57 1.65 23.28
C GLU B 75 14.52 0.46 23.21
N ASN B 76 13.99 -0.76 23.24
CA ASN B 76 14.85 -1.94 23.25
C ASN B 76 15.19 -2.43 21.86
N GLY B 77 14.73 -1.70 20.87
CA GLY B 77 15.03 -2.08 19.49
C GLY B 77 13.90 -2.83 18.80
N SER B 78 12.89 -3.26 19.57
CA SER B 78 11.64 -3.86 19.02
C SER B 78 11.04 -2.87 18.05
N PHE B 79 10.40 -3.35 16.99
CA PHE B 79 9.88 -2.44 16.01
C PHE B 79 8.76 -3.04 15.15
N SER B 80 8.14 -2.17 14.39
CA SER B 80 7.19 -2.60 13.36
C SER B 80 7.37 -1.74 12.15
N GLU B 81 7.37 -2.42 11.01
CA GLU B 81 7.43 -1.81 9.68
C GLU B 81 6.13 -2.16 8.97
N GLY B 82 5.56 -1.17 8.28
CA GLY B 82 4.32 -1.43 7.50
C GLY B 82 3.80 -0.18 6.83
N LEU B 83 2.53 -0.20 6.45
CA LEU B 83 1.94 0.91 5.69
C LEU B 83 1.60 2.07 6.59
N ILE B 84 1.70 3.29 6.06
CA ILE B 84 1.26 4.50 6.78
C ILE B 84 -0.23 4.70 6.56
N GLN B 85 -0.70 4.22 5.42
CA GLN B 85 -2.07 4.41 4.95
C GLN B 85 -2.59 3.15 4.28
N LEU B 86 -3.77 2.69 4.71
CA LEU B 86 -4.45 1.54 4.11
C LEU B 86 -5.54 2.03 3.16
N GLY B 87 -5.49 1.57 1.91
CA GLY B 87 -6.41 2.01 0.89
C GLY B 87 -6.32 1.06 -0.29
N PRO B 88 -6.93 1.45 -1.40
CA PRO B 88 -7.07 0.60 -2.57
C PRO B 88 -5.82 0.43 -3.44
N PHE B 89 -4.76 1.18 -3.14
CA PHE B 89 -3.64 1.23 -4.07
C PHE B 89 -2.46 0.33 -3.71
N SER B 90 -2.55 -0.41 -2.60
CA SER B 90 -1.54 -1.39 -2.19
C SER B 90 -2.18 -2.51 -1.43
N GLU B 91 -1.69 -3.72 -1.67
CA GLU B 91 -1.98 -4.81 -0.76
C GLU B 91 -1.48 -4.47 0.64
N PHE B 92 -2.16 -5.00 1.65
CA PHE B 92 -1.78 -4.75 3.01
C PHE B 92 -0.69 -5.73 3.43
N GLY B 93 0.00 -5.39 4.52
CA GLY B 93 1.08 -6.23 5.05
C GLY B 93 1.81 -5.48 6.14
N GLY B 94 2.58 -6.20 6.96
CA GLY B 94 3.43 -5.54 7.95
C GLY B 94 4.29 -6.51 8.69
N GLU B 95 5.27 -5.99 9.45
CA GLU B 95 6.18 -6.81 10.22
C GLU B 95 6.09 -6.31 11.65
N LEU B 96 6.14 -7.24 12.59
CA LEU B 96 6.11 -6.94 14.00
C LEU B 96 7.27 -7.72 14.53
N ALA B 97 8.23 -7.04 15.17
CA ALA B 97 9.52 -7.60 15.55
C ALA B 97 9.85 -7.33 17.00
N PHE B 98 10.02 -8.38 17.80
CA PHE B 98 10.48 -8.33 19.14
C PHE B 98 11.98 -8.56 19.32
N VAL B 99 12.57 -7.84 20.26
CA VAL B 99 13.94 -8.06 20.64
C VAL B 99 13.92 -8.45 22.13
N HIS B 100 14.60 -9.51 22.50
CA HIS B 100 14.72 -9.86 23.93
C HIS B 100 16.10 -10.48 24.19
N GLU B 101 16.93 -9.84 25.01
CA GLU B 101 18.27 -10.37 25.27
C GLU B 101 19.04 -10.63 23.93
N ASN B 102 19.43 -11.88 23.69
CA ASN B 102 20.26 -12.29 22.55
C ASN B 102 19.44 -12.70 21.34
N ARG B 103 18.14 -12.49 21.42
CA ARG B 103 17.18 -13.02 20.45
C ARG B 103 16.29 -11.95 19.83
N ARG B 104 15.83 -12.25 18.62
CA ARG B 104 14.76 -11.54 18.01
C ARG B 104 13.74 -12.58 17.51
N LEU B 105 12.48 -12.14 17.47
CA LEU B 105 11.39 -12.92 16.91
C LEU B 105 10.57 -11.96 16.06
N ARG B 106 10.49 -12.22 14.76
CA ARG B 106 9.91 -11.26 13.85
C ARG B 106 8.85 -11.95 13.02
N LEU B 107 7.69 -11.30 12.96
CA LEU B 107 6.55 -11.86 12.23
C LEU B 107 6.20 -10.95 11.07
N VAL B 108 6.12 -11.52 9.87
CA VAL B 108 5.68 -10.78 8.68
C VAL B 108 4.41 -11.39 8.18
N GLN B 109 3.38 -10.52 8.03
CA GLN B 109 2.10 -10.92 7.48
C GLN B 109 1.86 -10.14 6.21
N LEU B 110 1.57 -10.86 5.12
CA LEU B 110 1.24 -10.31 3.84
C LEU B 110 -0.19 -10.69 3.42
N PHE B 111 -0.88 -9.77 2.73
CA PHE B 111 -2.25 -9.97 2.30
C PHE B 111 -2.35 -9.80 0.78
N ASP B 112 -3.38 -10.41 0.18
CA ASP B 112 -3.60 -10.31 -1.27
C ASP B 112 -4.56 -9.17 -1.63
N ARG B 113 -4.95 -9.08 -2.89
CA ARG B 113 -5.80 -7.98 -3.38
C ARG B 113 -7.19 -8.00 -2.76
N ASN B 114 -7.60 -9.17 -2.26
CA ASN B 114 -8.90 -9.31 -1.59
C ASN B 114 -8.83 -9.12 -0.07
N GLY B 115 -7.64 -8.86 0.47
CA GLY B 115 -7.50 -8.59 1.89
C GLY B 115 -7.33 -9.90 2.65
N HIS B 116 -7.02 -10.99 1.96
CA HIS B 116 -6.80 -12.26 2.64
C HIS B 116 -5.32 -12.54 2.84
N LEU B 117 -4.99 -13.11 4.00
CA LEU B 117 -3.63 -13.46 4.33
C LEU B 117 -3.12 -14.44 3.29
N ASN B 118 -1.99 -14.12 2.64
CA ASN B 118 -1.37 -15.00 1.66
C ASN B 118 0.13 -15.24 1.87
N GLY B 119 0.65 -14.73 2.97
CA GLY B 119 2.10 -14.85 3.29
C GLY B 119 2.26 -14.67 4.78
N LEU B 120 2.97 -15.60 5.42
CA LEU B 120 3.22 -15.50 6.87
C LEU B 120 4.61 -16.02 7.13
N THR B 121 5.50 -15.18 7.64
CA THR B 121 6.91 -15.59 7.87
C THR B 121 7.26 -15.34 9.31
N LEU B 122 7.81 -16.33 10.00
CA LEU B 122 8.35 -16.15 11.33
C LEU B 122 9.85 -16.25 11.18
N ILE B 123 10.52 -15.21 11.57
CA ILE B 123 11.95 -15.12 11.54
C ILE B 123 12.46 -15.21 12.98
N ARG B 124 13.26 -16.25 13.21
CA ARG B 124 13.73 -16.63 14.52
C ARG B 124 15.23 -16.48 14.54
N GLU B 125 15.70 -15.54 15.36
CA GLU B 125 17.12 -15.14 15.33
C GLU B 125 17.76 -15.10 16.72
N HIS B 126 19.05 -15.39 16.74
CA HIS B 126 19.84 -15.28 17.93
C HIS B 126 21.17 -14.67 17.52
N LEU B 127 21.74 -13.85 18.38
CA LEU B 127 23.07 -13.29 18.07
C LEU B 127 24.09 -14.38 17.90
N ALA B 128 24.94 -14.23 16.90
CA ALA B 128 26.00 -15.18 16.66
C ALA B 128 26.80 -15.45 17.94
N GLY B 129 27.13 -16.73 18.15
CA GLY B 129 27.83 -17.16 19.34
C GLY B 129 26.98 -17.19 20.61
N THR B 130 25.69 -16.96 20.49
CA THR B 130 24.78 -17.05 21.64
C THR B 130 23.80 -18.20 21.38
N PRO B 131 23.10 -18.63 22.47
CA PRO B 131 22.25 -19.82 22.34
C PRO B 131 21.03 -19.63 21.45
N VAL B 132 20.63 -20.72 20.80
CA VAL B 132 19.48 -20.71 19.90
C VAL B 132 18.24 -20.37 20.75
N ALA B 133 18.11 -21.02 21.90
CA ALA B 133 17.10 -20.66 22.89
C ALA B 133 15.69 -20.64 22.28
N GLU B 134 15.36 -21.69 21.54
CA GLU B 134 14.01 -21.83 20.96
C GLU B 134 12.95 -22.02 22.03
N ARG B 135 11.86 -21.29 21.90
CA ARG B 135 10.70 -21.51 22.73
C ARG B 135 9.82 -22.64 22.12
N PRO B 136 9.00 -23.29 22.94
CA PRO B 136 8.11 -24.34 22.44
C PRO B 136 6.96 -23.82 21.58
N LEU B 137 6.39 -24.72 20.77
CA LEU B 137 5.18 -24.40 20.03
C LEU B 137 4.16 -23.82 21.01
N LEU B 138 3.51 -22.72 20.63
CA LEU B 138 2.51 -22.10 21.51
C LEU B 138 1.27 -22.95 21.53
N GLN B 139 0.74 -23.12 22.74
CA GLN B 139 -0.44 -23.91 23.02
C GLN B 139 -1.45 -23.07 23.79
N ILE B 140 -2.75 -23.35 23.62
CA ILE B 140 -3.79 -22.67 24.40
C ILE B 140 -3.57 -22.69 25.92
N ASN B 141 -3.19 -23.83 26.47
CA ASN B 141 -2.93 -23.88 27.91
C ASN B 141 -1.81 -22.99 28.40
N ASP B 142 -0.90 -22.60 27.51
CA ASP B 142 0.09 -21.62 27.85
C ASP B 142 -0.54 -20.27 28.10
N LEU B 143 -1.69 -20.01 27.46
CA LEU B 143 -2.31 -18.68 27.50
C LEU B 143 -3.46 -18.50 28.48
N LEU B 144 -4.04 -19.59 28.96
CA LEU B 144 -5.20 -19.46 29.86
C LEU B 144 -4.79 -18.82 31.17
N GLY B 145 -5.58 -17.87 31.64
CA GLY B 145 -5.30 -17.22 32.91
C GLY B 145 -5.49 -15.72 32.82
N GLU B 146 -5.04 -15.02 33.86
CA GLU B 146 -5.13 -13.58 33.95
C GLU B 146 -3.73 -13.02 33.82
N TRP B 147 -3.58 -12.06 32.93
CA TRP B 147 -2.28 -11.48 32.60
C TRP B 147 -2.31 -10.01 32.93
N ARG B 148 -1.43 -9.58 33.83
CA ARG B 148 -1.33 -8.17 34.25
C ARG B 148 -0.07 -7.56 33.65
N GLY B 149 -0.19 -6.40 33.03
CA GLY B 149 0.95 -5.86 32.33
C GLY B 149 0.93 -4.36 32.20
N GLN B 150 1.82 -3.88 31.36
CA GLN B 150 1.98 -2.48 31.13
C GLN B 150 2.15 -2.33 29.64
N ALA B 151 1.47 -1.33 29.07
CA ALA B 151 1.60 -1.12 27.62
C ALA B 151 2.27 0.22 27.38
N VAL B 152 3.07 0.31 26.36
CA VAL B 152 3.56 1.60 25.88
C VAL B 152 2.95 1.78 24.49
N THR B 153 2.16 2.83 24.31
CA THR B 153 1.62 3.19 23.00
C THR B 153 2.28 4.44 22.42
N ILE B 154 2.82 4.29 21.20
CA ILE B 154 3.37 5.42 20.48
C ILE B 154 2.40 5.80 19.39
N TYR B 155 2.16 7.11 19.28
CA TYR B 155 1.20 7.67 18.35
C TYR B 155 1.86 8.35 17.18
N ARG B 156 1.06 8.66 16.16
CA ARG B 156 1.54 9.30 14.93
C ARG B 156 0.95 10.68 14.70
N ASP B 157 0.43 11.25 15.78
CA ASP B 157 0.36 12.69 15.92
C ASP B 157 1.73 13.10 16.45
N ARG B 159 -0.20 13.23 19.77
CA ARG B 159 -0.11 12.63 21.08
C ARG B 159 1.33 12.20 21.37
N PRO B 160 1.85 12.52 22.58
CA PRO B 160 3.08 11.87 23.03
C PRO B 160 2.77 10.44 23.50
N PRO B 161 3.80 9.61 23.69
CA PRO B 161 3.52 8.22 24.08
C PRO B 161 2.77 8.04 25.42
N ASP B 162 2.03 6.95 25.51
CA ASP B 162 1.17 6.66 26.66
C ASP B 162 1.63 5.35 27.27
N ILE B 163 1.78 5.34 28.59
CA ILE B 163 2.16 4.16 29.35
C ILE B 163 1.08 3.92 30.38
N TYR B 164 0.58 2.68 30.44
CA TYR B 164 -0.60 2.35 31.22
C TYR B 164 -0.69 0.86 31.47
N SER B 165 -1.41 0.52 32.51
CA SER B 165 -1.61 -0.85 32.92
C SER B 165 -2.64 -1.54 32.05
N THR B 166 -2.48 -2.84 31.90
CA THR B 166 -3.31 -3.68 31.10
C THR B 166 -3.71 -4.93 31.91
N THR B 167 -4.86 -5.50 31.54
CA THR B 167 -5.30 -6.78 32.07
C THR B 167 -5.94 -7.54 30.94
N LEU B 168 -5.54 -8.79 30.76
CA LEU B 168 -6.06 -9.64 29.73
C LEU B 168 -6.39 -10.97 30.37
N LYS B 169 -7.67 -11.37 30.32
CA LYS B 169 -8.14 -12.65 30.86
C LYS B 169 -8.59 -13.57 29.74
N ILE B 170 -7.99 -14.77 29.68
CA ILE B 170 -8.28 -15.76 28.69
C ILE B 170 -8.74 -17.01 29.45
N GLN B 171 -9.87 -17.57 29.04
CA GLN B 171 -10.47 -18.70 29.70
C GLN B 171 -11.24 -19.50 28.68
N LEU B 172 -11.34 -20.81 28.89
CA LEU B 172 -12.26 -21.63 28.13
C LEU B 172 -13.63 -21.66 28.83
N ASP B 173 -14.71 -21.59 28.05
CA ASP B 173 -16.02 -21.82 28.65
C ASP B 173 -16.30 -23.32 28.79
N ASP B 174 -17.48 -23.67 29.27
CA ASP B 174 -17.86 -25.10 29.50
C ASP B 174 -17.82 -25.94 28.19
N ALA B 175 -18.01 -25.27 27.06
CA ALA B 175 -18.07 -25.90 25.74
C ALA B 175 -16.74 -25.90 25.01
N GLY B 176 -15.70 -25.41 25.67
CA GLY B 176 -14.37 -25.32 25.07
C GLY B 176 -14.14 -24.17 24.11
N ARG B 177 -15.04 -23.19 24.12
CA ARG B 177 -14.84 -21.96 23.35
C ARG B 177 -13.92 -21.07 24.14
N LEU B 178 -13.16 -20.23 23.45
CA LEU B 178 -12.23 -19.33 24.14
C LEU B 178 -12.92 -18.01 24.44
N GLN B 180 -12.10 -14.13 25.87
CA GLN B 180 -11.02 -13.18 26.08
C GLN B 180 -11.61 -11.83 26.46
N SER B 181 -11.19 -11.31 27.61
CA SER B 181 -11.54 -9.99 28.04
C SER B 181 -10.30 -9.13 28.15
N THR B 182 -10.28 -8.01 27.43
CA THR B 182 -9.19 -7.05 27.60
C THR B 182 -9.67 -5.80 28.33
N SER B 183 -8.81 -5.26 29.19
CA SER B 183 -9.00 -3.90 29.73
C SER B 183 -7.65 -3.14 29.58
N PHE B 184 -7.60 -2.21 28.62
CA PHE B 184 -6.41 -1.36 28.39
C PHE B 184 -6.53 -0.14 29.32
N GLY B 185 -7.69 0.51 29.30
CA GLY B 185 -8.02 1.52 30.31
C GLY B 185 -9.07 0.95 31.24
N GLU B 186 -9.88 1.83 31.83
CA GLU B 186 -11.12 1.40 32.47
C GLU B 186 -12.17 0.98 31.43
N ARG B 187 -11.72 0.83 30.17
CA ARG B 187 -12.53 0.27 29.09
C ARG B 187 -12.21 -1.21 28.99
N THR B 188 -13.26 -2.03 28.93
CA THR B 188 -13.16 -3.50 28.77
C THR B 188 -13.82 -4.04 27.48
N ILE B 189 -13.09 -4.82 26.68
CA ILE B 189 -13.62 -5.47 25.48
C ILE B 189 -13.60 -7.00 25.61
N THR B 190 -14.76 -7.65 25.39
CA THR B 190 -14.85 -9.13 25.46
C THR B 190 -15.23 -9.79 24.12
N SER B 191 -14.58 -10.92 23.81
CA SER B 191 -14.89 -11.64 22.60
C SER B 191 -14.57 -13.11 22.77
N THR B 192 -15.20 -13.91 21.91
CA THR B 192 -15.03 -15.38 21.92
C THR B 192 -14.55 -15.95 20.61
N ALA B 193 -13.99 -17.15 20.69
CA ALA B 193 -13.38 -17.81 19.55
C ALA B 193 -13.57 -19.32 19.53
N THR B 194 -13.59 -19.88 18.31
CA THR B 194 -13.57 -21.32 18.16
C THR B 194 -12.09 -21.71 17.98
N ILE B 195 -11.67 -22.73 18.70
CA ILE B 195 -10.30 -23.21 18.61
C ILE B 195 -10.34 -24.41 17.73
N LYS B 196 -9.47 -24.41 16.73
CA LYS B 196 -9.32 -25.49 15.78
C LYS B 196 -7.81 -25.68 15.50
N GLY B 197 -7.19 -26.51 16.32
CA GLY B 197 -5.77 -26.82 16.14
C GLY B 197 -4.98 -25.58 16.46
N SER B 198 -4.18 -25.14 15.50
CA SER B 198 -3.35 -23.96 15.67
C SER B 198 -4.07 -22.65 15.25
N ILE B 199 -5.39 -22.71 14.99
CA ILE B 199 -6.14 -21.54 14.58
C ILE B 199 -7.16 -21.22 15.62
N VAL B 200 -7.20 -19.96 16.02
CA VAL B 200 -8.19 -19.48 16.97
C VAL B 200 -8.95 -18.35 16.22
N LEU B 201 -10.24 -18.59 16.01
CA LEU B 201 -11.09 -17.76 15.15
C LEU B 201 -12.13 -17.02 15.96
N PHE B 202 -11.93 -15.72 16.10
CA PHE B 202 -12.92 -14.86 16.75
C PHE B 202 -14.04 -14.60 15.74
N ASP B 203 -15.09 -15.40 15.87
CA ASP B 203 -16.11 -15.53 14.85
C ASP B 203 -17.53 -15.18 15.32
N GLN B 204 -17.69 -14.38 16.37
CA GLN B 204 -19.03 -14.00 16.78
C GLN B 204 -19.76 -13.22 15.67
N ASP B 205 -19.03 -12.33 14.99
CA ASP B 205 -19.54 -11.56 13.83
C ASP B 205 -18.89 -12.12 12.57
N PRO B 206 -19.68 -12.77 11.72
CA PRO B 206 -19.11 -13.32 10.48
C PRO B 206 -18.56 -12.25 9.53
N GLU B 207 -18.99 -11.01 9.65
CA GLU B 207 -18.47 -9.98 8.77
C GLU B 207 -17.17 -9.36 9.27
N LYS B 208 -16.80 -9.61 10.54
CA LYS B 208 -15.66 -8.99 11.17
C LYS B 208 -14.78 -10.04 11.92
N GLN B 209 -14.51 -11.16 11.30
CA GLN B 209 -13.77 -12.22 11.95
C GLN B 209 -12.28 -11.90 12.07
N VAL B 210 -11.69 -12.30 13.19
CA VAL B 210 -10.24 -12.12 13.37
C VAL B 210 -9.68 -13.47 13.73
N GLN B 211 -8.52 -13.79 13.19
CA GLN B 211 -7.86 -15.05 13.51
C GLN B 211 -6.54 -14.87 14.24
N VAL B 212 -6.29 -15.76 15.20
CA VAL B 212 -4.99 -15.89 15.84
C VAL B 212 -4.39 -17.24 15.48
N LEU B 213 -3.15 -17.23 14.98
CA LEU B 213 -2.42 -18.45 14.69
C LEU B 213 -1.41 -18.70 15.78
N LEU B 214 -1.40 -19.92 16.32
CA LEU B 214 -0.43 -20.38 17.31
C LEU B 214 0.75 -21.05 16.64
N LEU B 215 1.92 -20.51 16.88
CA LEU B 215 3.10 -20.80 16.07
C LEU B 215 4.27 -21.32 16.91
N PRO B 216 5.28 -21.90 16.23
CA PRO B 216 6.52 -22.23 16.91
C PRO B 216 7.15 -21.03 17.63
N ASP B 217 8.10 -21.33 18.51
CA ASP B 217 8.88 -20.31 19.21
C ASP B 217 8.04 -19.41 20.07
N GLY B 218 6.93 -19.96 20.59
CA GLY B 218 6.01 -19.21 21.42
C GLY B 218 5.33 -18.03 20.74
N ALA B 219 5.31 -18.03 19.42
CA ALA B 219 4.81 -16.92 18.64
C ALA B 219 3.28 -17.04 18.45
N SER B 220 2.64 -15.91 18.22
CA SER B 220 1.26 -15.88 17.74
C SER B 220 1.12 -14.73 16.75
N ALA B 221 0.21 -14.88 15.79
CA ALA B 221 -0.03 -13.90 14.77
C ALA B 221 -1.50 -13.65 14.61
N THR B 222 -1.91 -12.38 14.75
CA THR B 222 -3.32 -12.00 14.72
C THR B 222 -3.56 -11.09 13.52
N SER B 223 -4.62 -11.39 12.76
CA SER B 223 -5.03 -10.50 11.70
C SER B 223 -6.52 -10.66 11.43
N PRO B 224 -7.11 -9.70 10.70
CA PRO B 224 -8.47 -9.90 10.24
C PRO B 224 -8.48 -11.00 9.21
N LEU B 225 -9.55 -11.75 9.16
CA LEU B 225 -9.71 -12.73 8.11
C LEU B 225 -9.73 -12.06 6.74
N LYS B 226 -10.36 -10.90 6.68
CA LYS B 226 -10.41 -10.05 5.48
C LYS B 226 -10.13 -8.60 5.89
N VAL B 227 -9.00 -8.08 5.40
CA VAL B 227 -8.62 -6.68 5.59
C VAL B 227 -9.63 -5.88 4.79
N GLN B 228 -10.38 -5.01 5.44
CA GLN B 228 -11.46 -4.27 4.77
C GLN B 228 -11.21 -2.78 4.81
N LEU B 229 -11.49 -2.10 3.69
CA LEU B 229 -11.33 -0.66 3.60
C LEU B 229 -12.34 0.03 4.50
N ARG B 230 -11.94 1.14 5.11
CA ARG B 230 -12.87 2.00 5.86
C ARG B 230 -13.42 1.31 7.12
N GLN B 231 -12.66 0.34 7.64
CA GLN B 231 -12.92 -0.27 8.95
C GLN B 231 -11.68 -0.06 9.83
N PRO B 232 -11.85 0.16 11.15
CA PRO B 232 -10.65 0.11 11.97
C PRO B 232 -10.10 -1.31 11.98
N LEU B 233 -8.79 -1.45 11.96
CA LEU B 233 -8.20 -2.74 12.03
C LEU B 233 -6.83 -2.68 12.67
N PHE B 234 -6.30 -3.85 12.96
CA PHE B 234 -4.98 -3.94 13.53
C PHE B 234 -4.29 -5.23 13.13
N LEU B 235 -2.98 -5.17 13.08
CA LEU B 235 -2.14 -6.36 13.01
C LEU B 235 -1.51 -6.54 14.39
N GLU B 236 -1.47 -7.77 14.88
CA GLU B 236 -0.88 -8.04 16.12
C GLU B 236 0.00 -9.27 16.07
N ALA B 237 1.03 -9.25 16.92
CA ALA B 237 1.79 -10.45 17.20
C ALA B 237 2.09 -10.58 18.66
N GLY B 238 2.39 -11.83 19.04
CA GLY B 238 2.69 -12.16 20.40
C GLY B 238 3.89 -13.06 20.52
N TRP B 239 4.58 -12.94 21.66
CA TRP B 239 5.68 -13.84 21.97
C TRP B 239 5.61 -14.21 23.42
N LEU B 240 5.39 -15.50 23.69
CA LEU B 240 5.55 -16.07 25.01
C LEU B 240 7.03 -16.34 25.23
N ILE B 241 7.67 -15.39 25.89
CA ILE B 241 9.10 -15.37 26.12
C ILE B 241 9.50 -16.44 27.15
N GLN B 242 8.64 -16.63 28.14
CA GLN B 242 8.78 -17.67 29.16
C GLN B 242 7.35 -18.09 29.52
N SER B 243 7.18 -19.19 30.25
CA SER B 243 5.94 -19.42 30.94
C SER B 243 5.69 -18.19 31.81
N ASP B 244 4.47 -17.72 31.73
CA ASP B 244 4.01 -16.60 32.54
C ASP B 244 4.53 -15.22 32.14
N LEU B 245 5.23 -15.08 31.01
CA LEU B 245 5.72 -13.79 30.55
C LEU B 245 5.50 -13.67 29.07
N ARG B 246 4.65 -12.70 28.69
CA ARG B 246 4.32 -12.54 27.25
C ARG B 246 4.41 -11.10 26.79
N GLN B 247 4.91 -10.88 25.57
CA GLN B 247 4.77 -9.60 24.95
C GLN B 247 3.84 -9.66 23.74
N ARG B 248 3.10 -8.58 23.53
CA ARG B 248 2.25 -8.39 22.39
C ARG B 248 2.54 -7.04 21.77
N ILE B 250 0.93 -4.39 18.77
CA ILE B 250 -0.31 -4.04 18.07
C ILE B 250 -0.08 -2.78 17.21
N ARG B 251 -0.25 -2.97 15.92
CA ARG B 251 -0.21 -1.90 14.95
C ARG B 251 -1.62 -1.48 14.53
N SER B 252 -2.07 -0.28 14.89
CA SER B 252 -3.49 0.05 14.80
C SER B 252 -3.79 1.11 13.75
N TYR B 253 -4.89 0.90 13.01
CA TYR B 253 -5.38 1.80 11.97
C TYR B 253 -6.80 2.26 12.30
N ASN B 254 -7.11 3.51 11.99
CA ASN B 254 -8.47 4.00 12.13
C ASN B 254 -9.34 3.70 10.89
N ASP B 255 -10.61 4.08 10.94
CA ASP B 255 -11.52 3.83 9.83
C ASP B 255 -11.25 4.68 8.59
N LYS B 256 -10.31 5.62 8.68
CA LYS B 256 -9.87 6.36 7.50
C LYS B 256 -8.67 5.65 6.82
N GLY B 257 -8.25 4.54 7.41
CA GLY B 257 -7.10 3.75 7.01
C GLY B 257 -5.76 4.33 7.43
N GLU B 258 -5.78 5.35 8.30
CA GLU B 258 -4.56 5.98 8.79
C GLU B 258 -3.95 5.12 9.90
N TRP B 259 -2.63 4.92 9.81
CA TRP B 259 -1.89 4.25 10.88
C TRP B 259 -1.84 5.20 12.07
N VAL B 260 -2.48 4.85 13.17
CA VAL B 260 -2.58 5.78 14.29
C VAL B 260 -1.55 5.52 15.39
N SER B 261 -1.20 4.26 15.62
CA SER B 261 -0.40 3.91 16.80
C SER B 261 0.32 2.58 16.72
N LEU B 262 1.26 2.37 17.63
CA LEU B 262 1.94 1.09 17.76
C LEU B 262 2.09 0.88 19.21
N THR B 263 1.68 -0.28 19.67
CA THR B 263 1.66 -0.62 21.10
C THR B 263 2.48 -1.88 21.39
N LEU B 264 3.28 -1.82 22.46
CA LEU B 264 4.01 -2.97 22.96
CA LEU B 264 4.01 -2.97 22.96
C LEU B 264 3.56 -3.18 24.43
N VAL B 265 3.00 -4.36 24.69
CA VAL B 265 2.52 -4.87 25.98
C VAL B 265 3.49 -5.92 26.48
N THR B 266 3.88 -5.78 27.74
CA THR B 266 4.61 -6.79 28.43
C THR B 266 3.73 -7.18 29.60
N GLU B 267 3.40 -8.47 29.73
CA GLU B 267 2.46 -8.89 30.73
C GLU B 267 2.85 -10.24 31.34
N GLU B 268 2.44 -10.43 32.57
CA GLU B 268 2.77 -11.59 33.36
C GLU B 268 1.51 -12.28 33.81
N ARG B 269 1.55 -13.61 33.82
CA ARG B 269 0.40 -14.38 34.23
C ARG B 269 0.40 -14.54 35.73
N VAL B 270 -0.72 -14.22 36.33
CA VAL B 270 -0.75 -14.17 37.77
C VAL B 270 -1.16 -15.55 38.29
#